data_2ZDJ
#
_entry.id   2ZDJ
#
_cell.length_a   63.421
_cell.length_b   63.716
_cell.length_c   71.930
_cell.angle_alpha   90.00
_cell.angle_beta   90.00
_cell.angle_gamma   90.00
#
_symmetry.space_group_name_H-M   'P 21 21 21'
#
loop_
_entity.id
_entity.type
_entity.pdbx_description
1 polymer 'hypothetical protein TTMA177'
2 water water
#
_entity_poly.entity_id   1
_entity_poly.type   'polypeptide(L)'
_entity_poly.pdbx_seq_one_letter_code
;(MSE)K(MSE)RKLVKDFGDDYTLIQDSQEVKAILEYIGSEEEPHALFVKVGDGDYEEVWGIDSFVPYNFLEAYRLK
;
_entity_poly.pdbx_strand_id   A,B,C,D
#
# COMPACT_ATOMS: atom_id res chain seq x y z
N LYS A 2 -3.42 4.71 -4.99
CA LYS A 2 -4.52 5.39 -5.67
C LYS A 2 -5.67 5.28 -4.70
N ARG A 4 -8.80 6.74 -5.22
CA ARG A 4 -10.08 6.89 -5.87
C ARG A 4 -10.06 6.13 -7.18
N LYS A 5 -11.17 5.49 -7.51
CA LYS A 5 -11.21 4.75 -8.76
C LYS A 5 -12.60 4.60 -9.35
N LEU A 6 -12.65 4.75 -10.67
CA LEU A 6 -13.88 4.65 -11.39
C LEU A 6 -14.37 3.22 -11.36
N VAL A 7 -15.66 3.06 -11.09
CA VAL A 7 -16.30 1.75 -11.05
C VAL A 7 -15.91 0.94 -12.29
N LYS A 8 -16.13 1.52 -13.47
CA LYS A 8 -15.81 0.82 -14.71
C LYS A 8 -14.43 0.19 -14.68
N ASP A 9 -13.54 0.72 -13.85
CA ASP A 9 -12.19 0.16 -13.78
C ASP A 9 -11.97 -0.98 -12.79
N PHE A 10 -13.03 -1.41 -12.11
CA PHE A 10 -12.94 -2.52 -11.18
C PHE A 10 -13.13 -3.82 -11.96
N GLY A 11 -12.05 -4.58 -12.12
CA GLY A 11 -12.13 -5.82 -12.86
C GLY A 11 -12.70 -7.01 -12.09
N ASP A 12 -12.58 -8.19 -12.70
CA ASP A 12 -13.06 -9.44 -12.12
C ASP A 12 -12.40 -9.82 -10.80
N ASP A 13 -11.28 -9.18 -10.45
CA ASP A 13 -10.66 -9.52 -9.19
C ASP A 13 -11.39 -8.87 -8.02
N TYR A 14 -12.43 -8.11 -8.34
CA TYR A 14 -13.24 -7.43 -7.32
C TYR A 14 -14.65 -8.00 -7.27
N THR A 15 -15.29 -7.88 -6.11
CA THR A 15 -16.67 -8.36 -5.93
C THR A 15 -17.54 -7.25 -5.35
N LEU A 16 -18.74 -7.10 -5.89
CA LEU A 16 -19.68 -6.09 -5.44
C LEU A 16 -20.48 -6.56 -4.25
N ILE A 17 -20.61 -5.70 -3.24
CA ILE A 17 -21.38 -6.03 -2.04
C ILE A 17 -22.45 -4.95 -1.91
N GLN A 18 -23.71 -5.37 -1.91
CA GLN A 18 -24.82 -4.43 -1.78
C GLN A 18 -25.67 -4.69 -0.54
N ASP A 19 -25.65 -5.92 -0.03
CA ASP A 19 -26.44 -6.21 1.15
C ASP A 19 -26.12 -5.28 2.30
N SER A 20 -27.10 -4.47 2.67
CA SER A 20 -26.99 -3.50 3.75
C SER A 20 -26.27 -4.03 4.99
N GLN A 21 -26.67 -5.22 5.44
CA GLN A 21 -26.09 -5.82 6.62
C GLN A 21 -24.65 -6.25 6.46
N GLU A 22 -24.27 -6.68 5.26
CA GLU A 22 -22.90 -7.11 5.04
C GLU A 22 -22.00 -5.89 4.89
N VAL A 23 -22.54 -4.81 4.37
CA VAL A 23 -21.76 -3.60 4.19
C VAL A 23 -21.44 -3.09 5.59
N LYS A 24 -22.46 -3.06 6.44
CA LYS A 24 -22.31 -2.62 7.81
C LYS A 24 -21.27 -3.46 8.55
N ALA A 25 -21.35 -4.78 8.40
CA ALA A 25 -20.40 -5.68 9.05
C ALA A 25 -18.98 -5.36 8.61
N ILE A 26 -18.79 -5.28 7.30
CA ILE A 26 -17.46 -4.99 6.74
C ILE A 26 -16.91 -3.66 7.29
N LEU A 27 -17.71 -2.60 7.19
CA LEU A 27 -17.29 -1.30 7.69
C LEU A 27 -16.82 -1.37 9.15
N GLU A 28 -17.55 -2.11 9.99
CA GLU A 28 -17.15 -2.21 11.40
C GLU A 28 -15.85 -2.99 11.51
N TYR A 29 -15.74 -4.02 10.67
CA TYR A 29 -14.56 -4.87 10.64
C TYR A 29 -13.33 -4.00 10.39
N ILE A 30 -13.39 -3.16 9.35
CA ILE A 30 -12.27 -2.32 9.01
C ILE A 30 -12.20 -1.04 9.83
N GLY A 31 -13.21 -0.82 10.67
CA GLY A 31 -13.23 0.36 11.52
C GLY A 31 -13.51 1.68 10.84
N SER A 32 -14.26 1.66 9.75
CA SER A 32 -14.58 2.88 9.02
C SER A 32 -15.88 3.52 9.49
N GLU A 33 -15.89 4.85 9.55
CA GLU A 33 -17.07 5.61 9.94
C GLU A 33 -17.80 6.06 8.68
N GLU A 34 -17.22 5.77 7.52
CA GLU A 34 -17.82 6.17 6.25
C GLU A 34 -19.13 5.42 6.08
N GLU A 35 -20.04 5.95 5.29
CA GLU A 35 -21.33 5.31 5.11
C GLU A 35 -21.72 5.03 3.67
N PRO A 36 -20.87 4.31 2.94
CA PRO A 36 -21.21 4.01 1.54
C PRO A 36 -22.45 3.11 1.49
N HIS A 37 -23.06 2.97 0.32
CA HIS A 37 -24.24 2.12 0.19
C HIS A 37 -23.96 0.87 -0.62
N ALA A 38 -22.69 0.70 -1.02
CA ALA A 38 -22.27 -0.47 -1.77
C ALA A 38 -20.76 -0.50 -1.71
N LEU A 39 -20.21 -1.69 -1.70
CA LEU A 39 -18.77 -1.85 -1.62
C LEU A 39 -18.25 -2.71 -2.76
N PHE A 40 -16.98 -2.51 -3.07
CA PHE A 40 -16.28 -3.30 -4.07
C PHE A 40 -15.15 -3.83 -3.20
N VAL A 41 -15.08 -5.14 -3.07
CA VAL A 41 -14.06 -5.72 -2.22
C VAL A 41 -13.16 -6.70 -2.97
N LYS A 42 -11.88 -6.68 -2.63
CA LYS A 42 -10.97 -7.64 -3.23
C LYS A 42 -10.61 -8.54 -2.06
N VAL A 43 -10.90 -9.82 -2.23
CA VAL A 43 -10.62 -10.80 -1.19
C VAL A 43 -9.27 -11.44 -1.48
N GLY A 44 -8.43 -11.52 -0.45
CA GLY A 44 -7.13 -12.12 -0.64
C GLY A 44 -6.66 -12.94 0.55
N ASP A 45 -6.27 -14.20 0.31
CA ASP A 45 -5.78 -15.07 1.37
C ASP A 45 -6.72 -15.14 2.58
N GLY A 46 -7.99 -15.42 2.33
CA GLY A 46 -8.94 -15.51 3.43
C GLY A 46 -9.25 -14.23 4.20
N ASP A 47 -8.90 -13.08 3.63
CA ASP A 47 -9.18 -11.81 4.30
C ASP A 47 -9.58 -10.80 3.23
N TYR A 48 -9.99 -9.60 3.64
CA TYR A 48 -10.37 -8.56 2.69
C TYR A 48 -9.12 -7.77 2.40
N GLU A 49 -8.57 -7.90 1.21
CA GLU A 49 -7.34 -7.21 0.83
C GLU A 49 -7.61 -5.74 0.51
N GLU A 50 -8.78 -5.47 -0.07
CA GLU A 50 -9.16 -4.11 -0.40
C GLU A 50 -10.66 -3.94 -0.18
N VAL A 51 -11.04 -2.72 0.19
CA VAL A 51 -12.44 -2.38 0.37
C VAL A 51 -12.65 -0.96 -0.16
N TRP A 52 -13.55 -0.81 -1.12
CA TRP A 52 -13.85 0.49 -1.68
C TRP A 52 -15.34 0.76 -1.60
N GLY A 53 -15.72 2.02 -1.44
CA GLY A 53 -17.13 2.31 -1.39
C GLY A 53 -17.58 3.36 -2.39
N ILE A 54 -18.86 3.31 -2.73
CA ILE A 54 -19.47 4.30 -3.60
C ILE A 54 -20.69 4.74 -2.82
N ASP A 55 -21.04 6.00 -2.93
CA ASP A 55 -22.17 6.53 -2.18
C ASP A 55 -23.54 6.13 -2.74
N SER A 56 -23.54 5.45 -3.88
CA SER A 56 -24.77 4.98 -4.50
C SER A 56 -24.97 3.48 -4.28
N PHE A 57 -26.23 3.03 -4.17
CA PHE A 57 -26.53 1.62 -3.99
C PHE A 57 -26.33 0.91 -5.32
N VAL A 58 -26.66 1.59 -6.40
CA VAL A 58 -26.51 1.04 -7.73
C VAL A 58 -25.15 1.45 -8.27
N PRO A 59 -24.41 0.49 -8.83
CA PRO A 59 -23.08 0.80 -9.37
C PRO A 59 -23.14 1.31 -10.81
N TYR A 60 -22.67 2.54 -11.03
CA TYR A 60 -22.63 3.12 -12.37
C TYR A 60 -21.16 3.22 -12.73
N ASN A 61 -20.81 2.78 -13.93
CA ASN A 61 -19.42 2.82 -14.36
C ASN A 61 -18.76 4.16 -14.17
N PHE A 62 -19.55 5.23 -14.18
CA PHE A 62 -19.00 6.58 -14.05
C PHE A 62 -18.82 7.08 -12.62
N LEU A 63 -19.34 6.33 -11.66
CA LEU A 63 -19.20 6.73 -10.27
C LEU A 63 -17.76 6.58 -9.81
N GLU A 64 -17.37 7.39 -8.84
CA GLU A 64 -16.02 7.34 -8.33
C GLU A 64 -16.00 6.69 -6.95
N ALA A 65 -15.34 5.55 -6.86
CA ALA A 65 -15.24 4.82 -5.60
C ALA A 65 -14.07 5.34 -4.79
N TYR A 66 -14.20 5.22 -3.47
CA TYR A 66 -13.15 5.67 -2.56
C TYR A 66 -12.67 4.49 -1.72
N ARG A 67 -11.35 4.37 -1.59
CA ARG A 67 -10.73 3.26 -0.86
C ARG A 67 -10.84 3.42 0.66
N LEU A 68 -11.34 2.38 1.32
CA LEU A 68 -11.51 2.40 2.77
C LEU A 68 -10.52 1.47 3.45
N LYS A 69 -9.94 0.57 2.65
CA LYS A 69 -8.95 -0.37 3.14
C LYS A 69 -8.20 -0.91 1.93
N LYS B 2 -4.01 0.92 6.23
CA LYS B 2 -4.57 1.87 7.20
C LYS B 2 -4.86 3.23 6.54
N ARG B 4 -6.84 5.66 8.20
CA ARG B 4 -7.09 6.66 9.22
C ARG B 4 -6.01 6.54 10.26
N LYS B 5 -5.52 7.67 10.78
CA LYS B 5 -4.50 7.62 11.81
C LYS B 5 -4.49 8.89 12.63
N LEU B 6 -4.38 8.71 13.94
CA LEU B 6 -4.37 9.83 14.85
C LEU B 6 -3.09 10.62 14.67
N VAL B 7 -3.19 11.94 14.80
CA VAL B 7 -2.04 12.81 14.67
C VAL B 7 -0.88 12.40 15.57
N LYS B 8 -1.17 11.93 16.78
CA LYS B 8 -0.10 11.54 17.70
C LYS B 8 0.74 10.37 17.22
N ASP B 9 0.21 9.57 16.30
CA ASP B 9 0.99 8.44 15.85
C ASP B 9 1.89 8.71 14.65
N PHE B 10 1.86 9.93 14.14
CA PHE B 10 2.72 10.29 13.02
C PHE B 10 4.10 10.56 13.61
N GLY B 11 5.07 9.70 13.31
CA GLY B 11 6.40 9.90 13.83
C GLY B 11 7.20 10.91 13.03
N ASP B 12 8.49 11.01 13.34
CA ASP B 12 9.38 11.95 12.68
C ASP B 12 9.72 11.59 11.25
N ASP B 13 9.17 10.48 10.76
CA ASP B 13 9.41 10.09 9.38
C ASP B 13 8.42 10.85 8.50
N TYR B 14 7.56 11.62 9.14
CA TYR B 14 6.54 12.45 8.47
C TYR B 14 6.84 13.93 8.72
N THR B 15 6.33 14.77 7.84
CA THR B 15 6.51 16.20 8.02
C THR B 15 5.18 16.91 7.86
N LEU B 16 4.92 17.87 8.75
CA LEU B 16 3.68 18.63 8.73
C LEU B 16 3.79 19.83 7.78
N ILE B 17 2.75 20.00 6.95
CA ILE B 17 2.67 21.10 5.99
C ILE B 17 1.44 21.95 6.36
N GLN B 18 1.64 23.22 6.71
CA GLN B 18 0.51 24.09 7.04
C GLN B 18 0.31 25.25 6.05
N ASP B 19 1.35 25.57 5.30
CA ASP B 19 1.24 26.66 4.33
C ASP B 19 0.11 26.39 3.34
N SER B 20 -0.93 27.22 3.36
CA SER B 20 -2.08 27.05 2.47
C SER B 20 -1.68 26.86 1.02
N GLN B 21 -0.73 27.68 0.59
CA GLN B 21 -0.22 27.64 -0.77
C GLN B 21 0.39 26.27 -1.08
N GLU B 22 1.25 25.78 -0.18
CA GLU B 22 1.90 24.49 -0.40
C GLU B 22 0.89 23.34 -0.26
N VAL B 23 -0.09 23.51 0.62
CA VAL B 23 -1.12 22.47 0.77
C VAL B 23 -1.95 22.35 -0.51
N LYS B 24 -2.35 23.48 -1.10
CA LYS B 24 -3.13 23.40 -2.33
C LYS B 24 -2.31 22.87 -3.52
N ALA B 25 -1.02 23.16 -3.54
CA ALA B 25 -0.15 22.66 -4.61
C ALA B 25 -0.09 21.13 -4.53
N ILE B 26 0.21 20.61 -3.35
CA ILE B 26 0.30 19.18 -3.12
C ILE B 26 -1.01 18.49 -3.51
N LEU B 27 -2.13 19.01 -3.01
CA LEU B 27 -3.43 18.44 -3.33
C LEU B 27 -3.64 18.42 -4.84
N GLU B 28 -3.27 19.51 -5.52
CA GLU B 28 -3.45 19.54 -6.96
C GLU B 28 -2.48 18.55 -7.60
N TYR B 29 -1.29 18.44 -7.01
CA TYR B 29 -0.28 17.55 -7.52
C TYR B 29 -0.75 16.09 -7.50
N ILE B 30 -1.36 15.67 -6.39
CA ILE B 30 -1.84 14.29 -6.35
C ILE B 30 -3.25 14.13 -6.90
N GLY B 31 -3.84 15.20 -7.41
CA GLY B 31 -5.18 15.12 -7.98
C GLY B 31 -6.30 14.86 -6.99
N SER B 32 -6.18 15.42 -5.80
CA SER B 32 -7.20 15.22 -4.78
C SER B 32 -8.13 16.41 -4.67
N GLU B 33 -9.41 16.11 -4.49
CA GLU B 33 -10.41 17.15 -4.36
C GLU B 33 -10.71 17.44 -2.89
N GLU B 34 -10.18 16.64 -1.98
CA GLU B 34 -10.41 16.90 -0.56
C GLU B 34 -9.82 18.27 -0.21
N GLU B 35 -10.29 18.86 0.87
CA GLU B 35 -9.82 20.17 1.26
C GLU B 35 -9.27 20.25 2.66
N PRO B 36 -8.25 19.44 2.98
CA PRO B 36 -7.73 19.52 4.35
C PRO B 36 -7.05 20.88 4.59
N HIS B 37 -6.86 21.26 5.85
CA HIS B 37 -6.23 22.53 6.17
C HIS B 37 -4.75 22.37 6.48
N ALA B 38 -4.32 21.11 6.61
CA ALA B 38 -2.94 20.78 6.89
C ALA B 38 -2.68 19.37 6.41
N LEU B 39 -1.42 19.05 6.15
CA LEU B 39 -1.07 17.73 5.68
C LEU B 39 0.12 17.16 6.40
N PHE B 40 0.21 15.83 6.39
CA PHE B 40 1.34 15.11 6.94
C PHE B 40 1.83 14.38 5.71
N VAL B 41 3.08 14.63 5.34
CA VAL B 41 3.62 14.00 4.15
C VAL B 41 4.87 13.19 4.44
N LYS B 42 5.07 12.17 3.62
CA LYS B 42 6.23 11.31 3.70
C LYS B 42 6.74 11.26 2.28
N VAL B 43 7.99 11.69 2.10
CA VAL B 43 8.61 11.71 0.78
C VAL B 43 9.49 10.48 0.62
N GLY B 44 9.35 9.81 -0.52
CA GLY B 44 10.16 8.63 -0.79
C GLY B 44 10.77 8.65 -2.19
N ASP B 45 12.10 8.56 -2.27
CA ASP B 45 12.78 8.56 -3.56
C ASP B 45 12.30 9.68 -4.46
N GLY B 46 12.56 10.92 -4.05
CA GLY B 46 12.17 12.07 -4.86
C GLY B 46 10.67 12.35 -5.03
N ASP B 47 9.80 11.39 -4.71
CA ASP B 47 8.35 11.59 -4.86
C ASP B 47 7.61 11.34 -3.55
N TYR B 48 6.32 11.65 -3.52
CA TYR B 48 5.52 11.45 -2.30
C TYR B 48 5.14 9.99 -2.12
N GLU B 49 5.47 9.47 -0.94
CA GLU B 49 5.16 8.10 -0.63
C GLU B 49 3.79 8.09 0.05
N GLU B 50 3.55 9.11 0.87
CA GLU B 50 2.29 9.23 1.58
C GLU B 50 1.88 10.68 1.78
N VAL B 51 0.58 10.91 1.73
CA VAL B 51 0.03 12.24 1.97
C VAL B 51 -1.24 12.02 2.79
N TRP B 52 -1.32 12.70 3.92
CA TRP B 52 -2.48 12.59 4.81
C TRP B 52 -2.96 13.99 5.13
N GLY B 53 -4.27 14.16 5.25
CA GLY B 53 -4.77 15.47 5.56
C GLY B 53 -5.55 15.49 6.86
N ILE B 54 -5.68 16.67 7.47
CA ILE B 54 -6.50 16.84 8.66
C ILE B 54 -7.35 18.07 8.41
N ASP B 55 -8.54 18.08 8.99
CA ASP B 55 -9.48 19.17 8.81
C ASP B 55 -9.36 20.27 9.86
N SER B 56 -8.12 20.58 10.20
CA SER B 56 -7.85 21.62 11.17
C SER B 56 -6.48 22.17 10.81
N PHE B 57 -6.28 23.46 11.05
CA PHE B 57 -4.99 24.08 10.77
C PHE B 57 -4.01 23.63 11.83
N VAL B 58 -4.43 23.70 13.09
CA VAL B 58 -3.62 23.28 14.23
C VAL B 58 -3.69 21.76 14.32
N PRO B 59 -2.52 21.09 14.40
CA PRO B 59 -2.43 19.63 14.47
C PRO B 59 -2.64 19.01 15.86
N TYR B 60 -3.87 18.99 16.33
CA TYR B 60 -4.15 18.40 17.64
C TYR B 60 -3.89 16.89 17.60
N ASN B 61 -3.20 16.40 18.62
CA ASN B 61 -2.85 14.99 18.72
C ASN B 61 -3.98 14.00 18.62
N PHE B 62 -5.18 14.40 19.07
CA PHE B 62 -6.34 13.52 19.03
C PHE B 62 -7.11 13.56 17.71
N LEU B 63 -6.74 14.46 16.82
CA LEU B 63 -7.40 14.55 15.50
C LEU B 63 -7.06 13.31 14.68
N GLU B 64 -7.99 12.91 13.82
CA GLU B 64 -7.79 11.74 12.97
C GLU B 64 -7.47 12.22 11.56
N ALA B 65 -6.31 11.83 11.05
CA ALA B 65 -5.94 12.23 9.70
C ALA B 65 -6.44 11.17 8.75
N TYR B 66 -6.69 11.56 7.50
CA TYR B 66 -7.17 10.63 6.49
C TYR B 66 -6.17 10.57 5.34
N ARG B 67 -5.86 9.36 4.87
CA ARG B 67 -4.89 9.19 3.81
C ARG B 67 -5.39 9.58 2.41
N LEU B 68 -4.59 10.37 1.71
CA LEU B 68 -4.96 10.81 0.35
C LEU B 68 -4.04 10.19 -0.69
N LYS B 69 -2.93 9.61 -0.23
CA LYS B 69 -1.94 8.98 -1.11
C LYS B 69 -0.95 8.11 -0.29
N LYS C 2 -5.24 -16.19 -4.17
CA LYS C 2 -3.95 -16.27 -3.50
C LYS C 2 -3.14 -15.00 -3.74
N ARG C 4 0.12 -14.47 -2.73
CA ARG C 4 1.54 -14.73 -2.84
C ARG C 4 1.79 -16.01 -3.63
N LYS C 5 2.92 -16.08 -4.32
CA LYS C 5 3.24 -17.25 -5.12
C LYS C 5 4.73 -17.23 -5.40
N LEU C 6 5.40 -18.33 -5.11
CA LEU C 6 6.85 -18.43 -5.35
C LEU C 6 7.16 -18.27 -6.81
N VAL C 7 8.15 -17.44 -7.10
CA VAL C 7 8.58 -17.19 -8.46
C VAL C 7 8.87 -18.49 -9.22
N LYS C 8 9.37 -19.50 -8.53
CA LYS C 8 9.71 -20.77 -9.15
C LYS C 8 8.50 -21.56 -9.62
N ASP C 9 7.32 -21.25 -9.08
CA ASP C 9 6.11 -21.96 -9.45
C ASP C 9 5.29 -21.34 -10.58
N PHE C 10 5.86 -20.36 -11.24
CA PHE C 10 5.16 -19.72 -12.36
C PHE C 10 5.54 -20.48 -13.63
N GLY C 11 4.55 -21.13 -14.23
CA GLY C 11 4.76 -21.93 -15.42
C GLY C 11 4.76 -21.21 -16.75
N ASP C 12 4.67 -22.00 -17.82
CA ASP C 12 4.66 -21.50 -19.19
C ASP C 12 3.47 -20.61 -19.54
N ASP C 13 2.43 -20.64 -18.71
CA ASP C 13 1.25 -19.83 -18.97
C ASP C 13 1.43 -18.37 -18.55
N TYR C 14 2.60 -18.05 -18.01
CA TYR C 14 2.88 -16.67 -17.62
C TYR C 14 4.00 -16.12 -18.46
N THR C 15 4.07 -14.80 -18.53
CA THR C 15 5.12 -14.15 -19.27
C THR C 15 5.88 -13.24 -18.32
N LEU C 16 7.20 -13.33 -18.29
CA LEU C 16 7.98 -12.48 -17.40
C LEU C 16 8.19 -11.13 -18.06
N ILE C 17 7.90 -10.06 -17.34
CA ILE C 17 8.07 -8.72 -17.88
C ILE C 17 9.14 -7.98 -17.08
N GLN C 18 10.26 -7.66 -17.73
CA GLN C 18 11.34 -6.96 -17.05
C GLN C 18 11.67 -5.61 -17.66
N ASP C 19 11.12 -5.32 -18.84
CA ASP C 19 11.38 -4.03 -19.47
C ASP C 19 10.69 -2.93 -18.68
N SER C 20 11.45 -1.93 -18.22
CA SER C 20 10.91 -0.84 -17.42
C SER C 20 9.66 -0.19 -17.95
N GLN C 21 9.70 0.18 -19.23
CA GLN C 21 8.58 0.84 -19.88
C GLN C 21 7.38 -0.08 -19.91
N GLU C 22 7.60 -1.35 -20.23
CA GLU C 22 6.50 -2.30 -20.28
C GLU C 22 5.89 -2.44 -18.89
N VAL C 23 6.75 -2.61 -17.88
CA VAL C 23 6.29 -2.77 -16.52
C VAL C 23 5.47 -1.56 -16.09
N LYS C 24 6.01 -0.37 -16.32
CA LYS C 24 5.32 0.84 -15.94
C LYS C 24 3.94 0.92 -16.61
N ALA C 25 3.88 0.57 -17.90
CA ALA C 25 2.62 0.61 -18.63
C ALA C 25 1.56 -0.29 -18.01
N ILE C 26 1.96 -1.50 -17.62
CA ILE C 26 1.03 -2.43 -17.01
C ILE C 26 0.54 -1.96 -15.64
N LEU C 27 1.44 -1.39 -14.84
CA LEU C 27 1.04 -0.91 -13.52
C LEU C 27 0.04 0.24 -13.68
N GLU C 28 0.27 1.10 -14.66
CA GLU C 28 -0.66 2.20 -14.87
C GLU C 28 -1.98 1.63 -15.33
N TYR C 29 -1.93 0.69 -16.25
CA TYR C 29 -3.11 0.03 -16.78
C TYR C 29 -4.04 -0.45 -15.66
N ILE C 30 -3.51 -1.21 -14.71
CA ILE C 30 -4.33 -1.71 -13.61
C ILE C 30 -4.50 -0.70 -12.48
N GLY C 31 -3.90 0.48 -12.63
CA GLY C 31 -4.03 1.50 -11.60
C GLY C 31 -3.26 1.29 -10.29
N SER C 32 -2.16 0.55 -10.36
CA SER C 32 -1.35 0.30 -9.18
C SER C 32 -0.25 1.35 -9.06
N GLU C 33 0.06 1.76 -7.83
CA GLU C 33 1.15 2.70 -7.64
C GLU C 33 2.36 1.94 -7.08
N GLU C 34 2.22 0.61 -6.94
CA GLU C 34 3.32 -0.24 -6.47
C GLU C 34 4.43 -0.11 -7.53
N GLU C 35 5.69 -0.28 -7.14
CA GLU C 35 6.79 -0.15 -8.10
C GLU C 35 7.72 -1.34 -8.27
N PRO C 36 7.16 -2.54 -8.50
CA PRO C 36 8.05 -3.70 -8.67
C PRO C 36 8.93 -3.49 -9.92
N HIS C 37 10.06 -4.18 -10.00
CA HIS C 37 10.91 -4.02 -11.18
C HIS C 37 10.56 -5.03 -12.26
N ALA C 38 9.85 -6.07 -11.86
CA ALA C 38 9.45 -7.12 -12.78
C ALA C 38 8.03 -7.57 -12.52
N LEU C 39 7.43 -8.22 -13.51
CA LEU C 39 6.09 -8.73 -13.40
C LEU C 39 5.94 -10.06 -14.09
N PHE C 40 4.87 -10.75 -13.72
CA PHE C 40 4.47 -11.98 -14.35
C PHE C 40 3.03 -11.64 -14.74
N VAL C 41 2.71 -11.80 -16.02
CA VAL C 41 1.35 -11.54 -16.46
C VAL C 41 0.83 -12.76 -17.19
N LYS C 42 -0.47 -12.97 -17.07
CA LYS C 42 -1.17 -14.06 -17.73
C LYS C 42 -2.23 -13.38 -18.57
N VAL C 43 -2.20 -13.62 -19.88
CA VAL C 43 -3.17 -13.01 -20.77
C VAL C 43 -4.30 -14.00 -20.98
N GLY C 44 -5.53 -13.53 -20.83
CA GLY C 44 -6.68 -14.39 -21.01
C GLY C 44 -7.90 -13.59 -21.42
N ASP C 45 -8.65 -14.12 -22.38
CA ASP C 45 -9.86 -13.49 -22.88
C ASP C 45 -9.71 -11.99 -23.18
N GLY C 46 -8.76 -11.67 -24.05
CA GLY C 46 -8.52 -10.30 -24.46
C GLY C 46 -8.10 -9.30 -23.39
N ASP C 47 -7.53 -9.78 -22.30
CA ASP C 47 -7.11 -8.90 -21.22
C ASP C 47 -6.06 -9.60 -20.35
N TYR C 48 -5.56 -8.90 -19.33
CA TYR C 48 -4.60 -9.51 -18.42
C TYR C 48 -5.47 -10.24 -17.40
N GLU C 49 -5.37 -11.55 -17.35
CA GLU C 49 -6.15 -12.32 -16.40
C GLU C 49 -5.51 -12.19 -15.00
N GLU C 50 -4.19 -12.12 -14.98
CA GLU C 50 -3.44 -11.97 -13.72
C GLU C 50 -2.19 -11.09 -13.93
N VAL C 51 -1.83 -10.35 -12.89
CA VAL C 51 -0.63 -9.52 -12.90
C VAL C 51 0.00 -9.70 -11.52
N TRP C 52 1.27 -10.09 -11.50
CA TRP C 52 1.99 -10.27 -10.26
C TRP C 52 3.27 -9.46 -10.28
N GLY C 53 3.60 -8.86 -9.14
CA GLY C 53 4.79 -8.05 -9.06
C GLY C 53 5.95 -8.75 -8.36
N ILE C 54 7.17 -8.40 -8.78
CA ILE C 54 8.37 -8.93 -8.16
C ILE C 54 9.24 -7.70 -7.96
N ASP C 55 9.45 -7.32 -6.70
CA ASP C 55 10.27 -6.16 -6.37
C ASP C 55 11.59 -6.15 -7.12
N SER C 56 12.31 -7.25 -7.05
CA SER C 56 13.59 -7.34 -7.72
C SER C 56 13.72 -8.75 -8.22
N PHE C 57 14.12 -8.92 -9.48
CA PHE C 57 14.22 -10.27 -9.99
C PHE C 57 15.58 -10.89 -9.72
N VAL C 58 15.71 -11.41 -8.50
CA VAL C 58 16.91 -12.09 -8.03
C VAL C 58 16.40 -13.43 -7.50
N PRO C 59 16.17 -14.37 -8.42
CA PRO C 59 15.65 -15.70 -8.16
C PRO C 59 16.39 -16.67 -7.23
N TYR C 60 15.90 -16.79 -6.02
CA TYR C 60 16.45 -17.74 -5.05
C TYR C 60 15.22 -18.58 -4.72
N ASN C 61 15.43 -19.78 -4.18
CA ASN C 61 14.31 -20.68 -3.87
C ASN C 61 13.04 -20.10 -3.26
N PHE C 62 13.19 -19.21 -2.29
CA PHE C 62 12.03 -18.64 -1.61
C PHE C 62 11.56 -17.28 -2.12
N LEU C 63 12.05 -16.85 -3.28
CA LEU C 63 11.62 -15.56 -3.82
C LEU C 63 10.14 -15.67 -4.19
N GLU C 64 9.34 -14.70 -3.78
CA GLU C 64 7.93 -14.77 -4.09
C GLU C 64 7.43 -13.55 -4.84
N ALA C 65 6.29 -13.71 -5.52
CA ALA C 65 5.68 -12.62 -6.26
C ALA C 65 4.40 -12.28 -5.52
N TYR C 66 3.94 -11.04 -5.67
CA TYR C 66 2.71 -10.63 -5.00
C TYR C 66 1.65 -10.27 -6.04
N ARG C 67 0.43 -10.75 -5.80
CA ARG C 67 -0.70 -10.54 -6.72
C ARG C 67 -1.11 -9.09 -6.81
N LEU C 68 -1.22 -8.57 -8.03
CA LEU C 68 -1.61 -7.17 -8.25
C LEU C 68 -2.96 -7.09 -8.95
N LYS C 69 -3.27 -8.12 -9.74
CA LYS C 69 -4.53 -8.19 -10.45
C LYS C 69 -4.85 -9.68 -10.63
N LYS D 2 15.28 7.64 1.14
CA LYS D 2 15.46 6.42 0.37
C LYS D 2 14.53 5.33 0.88
N ARG D 4 14.39 2.21 -0.61
CA ARG D 4 14.97 0.91 -0.88
C ARG D 4 16.47 0.87 -0.67
N LYS D 5 16.95 -0.26 -0.16
CA LYS D 5 18.37 -0.43 0.07
C LYS D 5 18.72 -1.90 -0.04
N LEU D 6 19.89 -2.17 -0.62
CA LEU D 6 20.34 -3.54 -0.80
C LEU D 6 20.80 -4.02 0.58
N VAL D 7 20.41 -5.23 0.94
CA VAL D 7 20.76 -5.81 2.23
C VAL D 7 22.25 -5.67 2.52
N LYS D 8 23.06 -5.77 1.47
CA LYS D 8 24.50 -5.68 1.65
C LYS D 8 24.93 -4.33 2.14
N ASP D 9 24.08 -3.32 1.93
CA ASP D 9 24.42 -1.96 2.33
C ASP D 9 23.99 -1.60 3.75
N PHE D 10 23.36 -2.52 4.46
CA PHE D 10 22.90 -2.22 5.82
C PHE D 10 24.02 -2.11 6.85
N GLY D 11 24.43 -3.21 7.45
CA GLY D 11 25.51 -3.10 8.42
C GLY D 11 25.22 -3.28 9.90
N ASP D 12 26.25 -3.03 10.70
CA ASP D 12 26.22 -3.19 12.15
C ASP D 12 25.29 -2.34 13.02
N ASP D 13 24.94 -1.14 12.56
CA ASP D 13 24.05 -0.29 13.35
C ASP D 13 22.58 -0.72 13.22
N TYR D 14 22.34 -1.81 12.50
CA TYR D 14 21.00 -2.31 12.31
C TYR D 14 20.77 -3.64 13.00
N THR D 15 19.54 -3.87 13.43
CA THR D 15 19.21 -5.11 14.10
C THR D 15 18.23 -5.93 13.29
N LEU D 16 18.59 -7.19 13.06
CA LEU D 16 17.73 -8.09 12.32
C LEU D 16 16.69 -8.69 13.26
N ILE D 17 15.42 -8.55 12.91
CA ILE D 17 14.33 -9.11 13.71
C ILE D 17 13.61 -10.18 12.89
N GLN D 18 13.60 -11.42 13.36
CA GLN D 18 12.92 -12.48 12.63
C GLN D 18 11.74 -13.14 13.35
N ASP D 19 11.71 -13.04 14.68
CA ASP D 19 10.60 -13.64 15.41
C ASP D 19 9.28 -13.08 14.93
N SER D 20 8.39 -13.95 14.48
CA SER D 20 7.09 -13.55 13.97
C SER D 20 6.33 -12.60 14.90
N GLN D 21 6.20 -12.96 16.17
CA GLN D 21 5.47 -12.10 17.10
C GLN D 21 6.12 -10.72 17.28
N GLU D 22 7.45 -10.68 17.23
CA GLU D 22 8.12 -9.40 17.39
C GLU D 22 7.93 -8.56 16.12
N VAL D 23 8.10 -9.19 14.97
CA VAL D 23 7.93 -8.51 13.70
C VAL D 23 6.58 -7.83 13.71
N LYS D 24 5.54 -8.65 13.92
CA LYS D 24 4.17 -8.19 13.95
C LYS D 24 3.97 -7.03 14.93
N ALA D 25 4.69 -7.08 16.05
CA ALA D 25 4.59 -6.03 17.07
C ALA D 25 5.04 -4.69 16.52
N ILE D 26 6.22 -4.69 15.90
CA ILE D 26 6.79 -3.48 15.32
C ILE D 26 5.89 -2.92 14.21
N LEU D 27 5.44 -3.79 13.32
CA LEU D 27 4.58 -3.39 12.22
C LEU D 27 3.32 -2.72 12.77
N GLU D 28 2.77 -3.29 13.84
CA GLU D 28 1.57 -2.74 14.47
C GLU D 28 1.93 -1.41 15.11
N TYR D 29 3.10 -1.40 15.75
CA TYR D 29 3.59 -0.21 16.44
C TYR D 29 3.74 0.99 15.51
N ILE D 30 4.11 0.74 14.25
CA ILE D 30 4.29 1.83 13.30
C ILE D 30 3.08 1.98 12.38
N GLY D 31 2.05 1.16 12.62
CA GLY D 31 0.84 1.23 11.83
C GLY D 31 0.88 0.67 10.41
N SER D 32 1.82 -0.22 10.15
CA SER D 32 1.95 -0.80 8.80
C SER D 32 1.13 -2.07 8.58
N GLU D 33 0.54 -2.17 7.40
CA GLU D 33 -0.22 -3.36 7.06
C GLU D 33 0.59 -4.21 6.06
N GLU D 34 1.87 -3.87 5.89
CA GLU D 34 2.77 -4.63 5.02
C GLU D 34 3.08 -5.92 5.79
N GLU D 35 3.52 -6.95 5.09
CA GLU D 35 3.80 -8.22 5.77
C GLU D 35 5.15 -8.84 5.49
N PRO D 36 6.24 -8.14 5.84
CA PRO D 36 7.59 -8.64 5.62
C PRO D 36 7.82 -9.85 6.52
N HIS D 37 8.81 -10.68 6.17
CA HIS D 37 9.12 -11.86 6.99
C HIS D 37 10.13 -11.51 8.07
N ALA D 38 10.92 -10.46 7.83
CA ALA D 38 11.91 -10.00 8.80
C ALA D 38 12.08 -8.49 8.65
N LEU D 39 12.79 -7.87 9.58
CA LEU D 39 12.99 -6.43 9.53
C LEU D 39 14.38 -6.06 9.99
N PHE D 40 14.83 -4.90 9.54
CA PHE D 40 16.12 -4.36 9.97
C PHE D 40 15.61 -3.12 10.67
N VAL D 41 15.87 -3.00 11.97
CA VAL D 41 15.42 -1.80 12.66
C VAL D 41 16.64 -1.09 13.21
N LYS D 42 16.49 0.21 13.44
CA LYS D 42 17.58 0.98 14.01
C LYS D 42 17.00 1.74 15.19
N VAL D 43 17.54 1.48 16.38
CA VAL D 43 17.06 2.14 17.58
C VAL D 43 17.84 3.41 17.86
N GLY D 44 17.12 4.47 18.22
CA GLY D 44 17.77 5.73 18.53
C GLY D 44 16.83 6.72 19.17
N ASP D 45 17.32 7.42 20.18
CA ASP D 45 16.53 8.44 20.88
C ASP D 45 15.33 7.82 21.57
N GLY D 46 15.50 6.63 22.12
CA GLY D 46 14.41 5.96 22.80
C GLY D 46 13.25 5.54 21.90
N ASP D 47 13.55 5.28 20.63
CA ASP D 47 12.52 4.87 19.68
C ASP D 47 13.15 4.24 18.44
N TYR D 48 12.33 3.74 17.53
CA TYR D 48 12.86 3.14 16.31
C TYR D 48 13.11 4.28 15.33
N GLU D 49 14.36 4.58 15.04
CA GLU D 49 14.68 5.63 14.08
C GLU D 49 14.26 5.15 12.70
N GLU D 50 14.64 3.92 12.37
CA GLU D 50 14.34 3.32 11.08
C GLU D 50 13.84 1.88 11.19
N VAL D 51 12.90 1.52 10.33
CA VAL D 51 12.36 0.15 10.28
C VAL D 51 12.24 -0.22 8.81
N TRP D 52 12.92 -1.30 8.43
CA TRP D 52 12.89 -1.80 7.04
C TRP D 52 12.44 -3.26 7.03
N GLY D 53 11.74 -3.66 5.98
CA GLY D 53 11.30 -5.03 5.92
C GLY D 53 11.90 -5.73 4.71
N ILE D 54 11.92 -7.05 4.76
CA ILE D 54 12.39 -7.84 3.63
C ILE D 54 11.44 -9.03 3.58
N ASP D 55 11.14 -9.48 2.37
CA ASP D 55 10.23 -10.60 2.23
C ASP D 55 10.94 -11.94 2.27
N SER D 56 12.00 -11.99 3.08
CA SER D 56 12.80 -13.18 3.26
C SER D 56 13.12 -13.32 4.74
N PHE D 57 13.20 -14.55 5.23
CA PHE D 57 13.55 -14.77 6.63
C PHE D 57 15.05 -14.59 6.80
N VAL D 58 15.78 -14.73 5.70
CA VAL D 58 17.21 -14.60 5.75
C VAL D 58 17.71 -13.44 4.92
N PRO D 59 18.70 -12.70 5.44
CA PRO D 59 19.27 -11.53 4.76
C PRO D 59 20.29 -11.76 3.65
N TYR D 60 19.88 -12.36 2.52
CA TYR D 60 20.81 -12.52 1.41
C TYR D 60 21.20 -11.09 1.04
N ASN D 61 22.47 -10.93 0.73
CA ASN D 61 23.02 -9.63 0.39
C ASN D 61 22.44 -8.99 -0.88
N PHE D 62 21.91 -9.82 -1.78
CA PHE D 62 21.36 -9.29 -3.03
C PHE D 62 19.88 -8.87 -2.94
N LEU D 63 19.27 -9.05 -1.77
CA LEU D 63 17.89 -8.65 -1.60
C LEU D 63 17.75 -7.17 -1.35
N GLU D 64 16.55 -6.69 -1.61
CA GLU D 64 16.21 -5.29 -1.46
C GLU D 64 15.24 -5.13 -0.29
N ALA D 65 15.59 -4.29 0.67
CA ALA D 65 14.74 -4.01 1.82
C ALA D 65 13.93 -2.76 1.49
N TYR D 66 12.70 -2.70 1.98
CA TYR D 66 11.84 -1.55 1.75
C TYR D 66 11.56 -0.84 3.06
N ARG D 67 11.75 0.48 3.05
CA ARG D 67 11.58 1.28 4.24
C ARG D 67 10.14 1.38 4.73
N LEU D 68 9.92 1.11 6.01
CA LEU D 68 8.59 1.19 6.59
C LEU D 68 8.49 2.39 7.51
N LYS D 69 9.63 2.78 8.08
CA LYS D 69 9.69 3.94 8.96
C LYS D 69 11.08 4.54 8.86
#